data_1PZO
#
_entry.id   1PZO
#
_cell.length_a   41.887
_cell.length_b   61.038
_cell.length_c   88.683
_cell.angle_alpha   90.00
_cell.angle_beta   90.00
_cell.angle_gamma   90.00
#
_symmetry.space_group_name_H-M   'P 21 21 21'
#
loop_
_entity.id
_entity.type
_entity.pdbx_description
1 polymer 'Beta-lactamase TEM'
2 non-polymer N,N-BIS(4-CHLOROBENZYL)-1H-1,2,3,4-TETRAAZOL-5-AMINE
3 water water
#
_entity_poly.entity_id   1
_entity_poly.type   'polypeptide(L)'
_entity_poly.pdbx_seq_one_letter_code
;HPETLVKVKDAEDQLGARVGYIELDLNSGKILESFRPEERFPMMSTFKVLLCGAVLSRVDAGQEQLGRRIHYSQNDLVEY
SPVTEKHLTDGMTVRELCSAAITMSDNTAANLLLTTIGGPKELTAFLHNMGDHVTRLDRWEPELNEAIPNDERDTTTPAA
MATTLRKLLTGELLTLASRQQLIDWMEADKVAGPLLRSALPAGWFIADKSGAGERGSRGIIAALGPDGKPSRIVVIYTTG
SQATMDERNRQIAEIGASLIKHW
;
_entity_poly.pdbx_strand_id   A
#
loop_
_chem_comp.id
_chem_comp.type
_chem_comp.name
_chem_comp.formula
CBT non-polymer N,N-BIS(4-CHLOROBENZYL)-1H-1,2,3,4-TETRAAZOL-5-AMINE 'C15 H13 Cl2 N5'
#
# COMPACT_ATOMS: atom_id res chain seq x y z
N HIS A 1 -7.49 19.15 -7.97
CA HIS A 1 -7.90 20.13 -9.01
C HIS A 1 -8.67 19.30 -10.03
N PRO A 2 -9.76 19.81 -10.56
CA PRO A 2 -10.56 19.04 -11.50
C PRO A 2 -9.74 18.68 -12.73
N GLU A 3 -8.72 19.44 -13.11
CA GLU A 3 -7.94 18.99 -14.27
C GLU A 3 -7.33 17.60 -14.09
N THR A 4 -7.03 17.26 -12.85
CA THR A 4 -6.51 15.93 -12.59
C THR A 4 -7.59 14.86 -12.79
N LEU A 5 -8.83 15.13 -12.43
CA LEU A 5 -9.91 14.17 -12.72
C LEU A 5 -10.14 13.99 -14.25
N VAL A 6 -9.81 15.01 -15.02
CA VAL A 6 -9.78 14.77 -16.46
C VAL A 6 -8.77 13.64 -16.82
N LYS A 7 -7.60 13.69 -16.22
CA LYS A 7 -6.62 12.64 -16.50
C LYS A 7 -7.08 11.27 -16.04
N VAL A 8 -7.76 11.23 -14.88
CA VAL A 8 -8.28 9.98 -14.32
C VAL A 8 -9.34 9.37 -15.23
N LYS A 9 -10.21 10.23 -15.73
CA LYS A 9 -11.19 9.81 -16.73
C LYS A 9 -10.53 9.45 -18.10
N ASP A 10 -9.53 10.21 -18.54
CA ASP A 10 -8.72 9.78 -19.70
C ASP A 10 -8.22 8.36 -19.48
N ALA A 11 -7.75 8.07 -18.26
CA ALA A 11 -7.20 6.75 -17.92
C ALA A 11 -8.24 5.66 -18.02
N GLU A 12 -9.42 5.89 -17.47
CA GLU A 12 -10.50 4.93 -17.70
C GLU A 12 -10.76 4.63 -19.19
N ASP A 13 -10.72 5.67 -20.04
CA ASP A 13 -10.94 5.50 -21.50
C ASP A 13 -9.87 4.64 -22.15
N GLN A 14 -8.64 5.01 -21.87
CA GLN A 14 -7.51 4.47 -22.62
C GLN A 14 -7.16 3.04 -22.09
N LEU A 15 -7.43 2.82 -20.81
CA LEU A 15 -7.20 1.53 -20.18
C LEU A 15 -8.38 0.54 -20.28
N GLY A 16 -9.57 1.09 -20.56
CA GLY A 16 -10.76 0.28 -20.66
C GLY A 16 -11.01 -0.36 -19.32
N ALA A 17 -10.87 0.42 -18.27
CA ALA A 17 -10.94 -0.18 -16.94
C ALA A 17 -11.46 0.86 -15.90
N ARG A 18 -11.96 0.38 -14.75
CA ARG A 18 -12.33 1.21 -13.62
C ARG A 18 -11.03 1.71 -12.94
N VAL A 19 -10.99 3.00 -12.63
CA VAL A 19 -9.92 3.63 -11.82
C VAL A 19 -10.59 4.32 -10.65
N GLY A 20 -10.08 4.11 -9.41
CA GLY A 20 -10.52 4.86 -8.22
C GLY A 20 -9.34 5.75 -7.78
N TYR A 21 -9.64 6.96 -7.28
CA TYR A 21 -8.61 8.00 -7.09
C TYR A 21 -9.08 8.88 -5.96
N ILE A 22 -8.16 9.20 -5.06
CA ILE A 22 -8.51 10.18 -4.08
C ILE A 22 -7.27 10.95 -3.64
N GLU A 23 -7.46 12.23 -3.34
CA GLU A 23 -6.45 13.07 -2.67
C GLU A 23 -6.97 13.57 -1.32
N LEU A 24 -6.14 13.46 -0.28
CA LEU A 24 -6.57 13.83 1.04
C LEU A 24 -5.54 14.79 1.56
N ASP A 25 -5.99 15.92 2.11
CA ASP A 25 -5.12 16.82 2.86
C ASP A 25 -4.61 16.04 4.03
N LEU A 26 -3.30 16.01 4.20
CA LEU A 26 -2.74 15.16 5.26
C LEU A 26 -3.00 15.76 6.63
N ASN A 27 -2.98 17.08 6.76
CA ASN A 27 -3.22 17.71 8.04
C ASN A 27 -4.67 17.48 8.56
N SER A 28 -5.64 17.77 7.73
CA SER A 28 -7.04 17.75 8.20
C SER A 28 -7.82 16.51 7.82
N GLY A 29 -7.33 15.79 6.82
CA GLY A 29 -8.08 14.70 6.21
C GLY A 29 -9.13 15.12 5.19
N LYS A 30 -9.25 16.40 4.91
CA LYS A 30 -10.32 16.79 3.98
C LYS A 30 -10.06 16.13 2.64
N ILE A 31 -11.14 15.74 1.98
CA ILE A 31 -10.96 15.18 0.63
C ILE A 31 -10.80 16.31 -0.36
N LEU A 32 -9.66 16.33 -1.08
CA LEU A 32 -9.38 17.39 -2.08
C LEU A 32 -9.93 17.11 -3.49
N GLU A 33 -9.86 15.85 -3.91
CA GLU A 33 -10.39 15.40 -5.20
C GLU A 33 -10.71 13.91 -5.03
N SER A 34 -11.69 13.39 -5.76
CA SER A 34 -11.99 11.97 -5.66
C SER A 34 -12.66 11.47 -6.93
N PHE A 35 -12.42 10.20 -7.22
CA PHE A 35 -13.09 9.54 -8.36
C PHE A 35 -13.34 8.09 -7.94
N ARG A 36 -14.62 7.68 -7.94
CA ARG A 36 -15.04 6.39 -7.41
C ARG A 36 -14.49 6.12 -6.02
N PRO A 37 -14.53 7.10 -5.08
CA PRO A 37 -13.85 6.96 -3.80
C PRO A 37 -14.33 5.85 -2.88
N GLU A 38 -15.58 5.42 -3.06
CA GLU A 38 -16.13 4.42 -2.14
C GLU A 38 -16.39 3.13 -2.86
N GLU A 39 -15.80 2.95 -4.06
CA GLU A 39 -15.93 1.69 -4.75
C GLU A 39 -14.78 0.79 -4.31
N ARG A 40 -14.95 -0.53 -4.35
CA ARG A 40 -13.89 -1.40 -3.81
C ARG A 40 -12.96 -1.79 -4.90
N PHE A 41 -11.69 -2.00 -4.55
CA PHE A 41 -10.69 -2.51 -5.50
C PHE A 41 -9.78 -3.47 -4.70
N PRO A 42 -9.14 -4.45 -5.36
CA PRO A 42 -8.19 -5.30 -4.63
C PRO A 42 -7.01 -4.46 -4.07
N MET A 43 -6.54 -4.72 -2.86
CA MET A 43 -5.40 -3.96 -2.30
C MET A 43 -4.09 -4.42 -2.89
N MET A 44 -4.04 -5.71 -3.19
CA MET A 44 -2.78 -6.36 -3.58
C MET A 44 -1.72 -6.03 -2.50
N SER A 45 -0.50 -5.77 -2.93
CA SER A 45 0.63 -5.57 -2.03
C SER A 45 0.53 -4.28 -1.24
N THR A 46 -0.40 -3.39 -1.62
CA THR A 46 -0.61 -2.22 -0.80
C THR A 46 -1.07 -2.63 0.62
N PHE A 47 -1.70 -3.81 0.78
CA PHE A 47 -2.04 -4.26 2.13
C PHE A 47 -0.83 -4.40 3.13
N LYS A 48 0.40 -4.52 2.61
CA LYS A 48 1.55 -4.79 3.45
C LYS A 48 1.90 -3.64 4.38
N VAL A 49 1.50 -2.45 4.03
CA VAL A 49 1.63 -1.32 4.97
C VAL A 49 0.69 -1.45 6.15
N LEU A 50 -0.56 -1.80 5.87
CA LEU A 50 -1.48 -2.08 6.96
C LEU A 50 -1.08 -3.24 7.87
N LEU A 51 -0.59 -4.32 7.29
CA LEU A 51 -0.01 -5.41 7.98
C LEU A 51 1.11 -4.97 8.92
N CYS A 52 2.09 -4.25 8.39
CA CYS A 52 3.20 -3.86 9.25
C CYS A 52 2.79 -2.81 10.28
N GLY A 53 1.76 -2.04 10.00
CA GLY A 53 1.17 -1.19 11.03
C GLY A 53 0.67 -2.07 12.17
N ALA A 54 -0.04 -3.12 11.85
CA ALA A 54 -0.59 -4.00 12.90
C ALA A 54 0.56 -4.67 13.61
N VAL A 55 1.62 -5.01 12.88
CA VAL A 55 2.83 -5.54 13.54
C VAL A 55 3.44 -4.50 14.53
N LEU A 56 3.56 -3.25 14.09
CA LEU A 56 4.06 -2.20 14.94
C LEU A 56 3.22 -1.94 16.18
N SER A 57 1.89 -1.99 16.04
CA SER A 57 0.97 -1.86 17.15
C SER A 57 1.25 -2.91 18.24
N ARG A 58 1.60 -4.12 17.81
CA ARG A 58 2.00 -5.20 18.73
C ARG A 58 3.32 -4.95 19.40
N VAL A 59 4.26 -4.44 18.64
CA VAL A 59 5.52 -4.01 19.18
C VAL A 59 5.22 -2.98 20.28
N ASP A 60 4.43 -1.96 19.97
CA ASP A 60 4.12 -0.93 20.99
C ASP A 60 3.43 -1.53 22.23
N ALA A 61 2.64 -2.55 22.04
CA ALA A 61 1.89 -3.17 23.13
C ALA A 61 2.75 -4.24 23.85
N GLY A 62 4.01 -4.37 23.42
CA GLY A 62 4.97 -5.36 23.92
C GLY A 62 4.62 -6.82 23.69
N GLN A 63 3.81 -7.07 22.67
CA GLN A 63 3.45 -8.41 22.23
C GLN A 63 4.36 -8.91 21.11
N GLU A 64 5.24 -8.03 20.61
CA GLU A 64 6.15 -8.36 19.54
C GLU A 64 7.43 -7.60 19.73
N GLN A 65 8.52 -8.08 19.13
CA GLN A 65 9.83 -7.45 19.14
C GLN A 65 10.36 -7.48 17.69
N LEU A 66 10.85 -6.34 17.24
CA LEU A 66 11.27 -6.22 15.85
C LEU A 66 12.53 -7.05 15.66
N GLY A 67 13.28 -7.28 16.73
CA GLY A 67 14.46 -8.08 16.57
C GLY A 67 14.24 -9.58 16.72
N ARG A 68 12.99 -10.05 16.92
CA ARG A 68 12.66 -11.48 17.14
C ARG A 68 12.83 -12.20 15.80
N ARG A 69 13.52 -13.35 15.78
CA ARG A 69 13.92 -14.03 14.56
C ARG A 69 12.93 -15.08 14.23
N ILE A 70 12.50 -15.07 12.97
CA ILE A 70 11.48 -15.99 12.43
C ILE A 70 12.11 -16.96 11.46
N HIS A 71 11.91 -18.25 11.73
CA HIS A 71 12.39 -19.33 10.92
C HIS A 71 11.32 -19.89 9.93
N TYR A 72 11.74 -20.37 8.77
CA TYR A 72 10.78 -20.93 7.85
C TYR A 72 11.45 -21.91 6.90
N SER A 73 10.70 -22.46 5.95
CA SER A 73 11.16 -23.59 5.17
C SER A 73 10.91 -23.40 3.69
N GLN A 74 11.53 -24.23 2.88
CA GLN A 74 11.39 -24.15 1.45
C GLN A 74 9.90 -24.24 1.06
N ASN A 75 9.11 -24.97 1.84
CA ASN A 75 7.71 -25.08 1.42
C ASN A 75 6.83 -23.90 1.88
N ASP A 76 7.36 -23.02 2.73
CA ASP A 76 6.72 -21.72 3.04
C ASP A 76 6.78 -20.68 1.90
N LEU A 77 7.77 -20.85 1.04
CA LEU A 77 8.08 -19.87 0.00
C LEU A 77 6.99 -19.86 -1.07
N VAL A 78 6.40 -18.71 -1.30
CA VAL A 78 5.42 -18.59 -2.39
C VAL A 78 6.08 -17.77 -3.51
N GLU A 79 5.35 -17.60 -4.60
CA GLU A 79 5.78 -16.72 -5.70
C GLU A 79 6.21 -15.34 -5.22
N TYR A 80 7.29 -14.83 -5.82
CA TYR A 80 7.85 -13.52 -5.58
C TYR A 80 8.27 -13.23 -4.16
N SER A 81 9.37 -13.86 -3.80
CA SER A 81 9.92 -13.78 -2.47
C SER A 81 11.41 -13.60 -2.67
N PRO A 82 11.79 -12.44 -3.23
CA PRO A 82 13.18 -12.07 -3.52
C PRO A 82 14.14 -12.01 -2.31
N VAL A 83 13.69 -11.62 -1.10
CA VAL A 83 14.58 -11.53 0.03
C VAL A 83 14.43 -12.83 0.85
N THR A 84 13.19 -13.27 1.07
CA THR A 84 12.99 -14.48 1.91
C THR A 84 13.59 -15.75 1.33
N GLU A 85 13.64 -15.83 0.00
CA GLU A 85 14.24 -16.99 -0.57
C GLU A 85 15.73 -17.07 -0.27
N LYS A 86 16.36 -15.95 0.12
CA LYS A 86 17.79 -15.94 0.41
C LYS A 86 18.10 -16.32 1.85
N HIS A 87 17.08 -16.49 2.68
CA HIS A 87 17.38 -16.66 4.08
C HIS A 87 16.78 -17.85 4.70
N LEU A 88 16.59 -18.90 3.90
CA LEU A 88 16.05 -20.16 4.38
C LEU A 88 16.81 -20.64 5.63
N THR A 89 18.14 -20.56 5.63
CA THR A 89 18.92 -21.19 6.70
C THR A 89 19.22 -20.20 7.79
N ASP A 90 19.10 -18.91 7.47
CA ASP A 90 19.28 -17.85 8.46
C ASP A 90 18.04 -17.50 9.32
N GLY A 91 16.87 -17.58 8.68
CA GLY A 91 15.71 -16.90 9.27
C GLY A 91 15.84 -15.38 9.06
N MET A 92 14.86 -14.61 9.51
CA MET A 92 14.85 -13.14 9.40
C MET A 92 14.12 -12.58 10.61
N THR A 93 14.50 -11.37 11.03
CA THR A 93 13.81 -10.76 12.13
C THR A 93 12.52 -10.15 11.67
N VAL A 94 11.69 -9.80 12.63
CA VAL A 94 10.41 -9.23 12.31
C VAL A 94 10.66 -7.91 11.53
N ARG A 95 11.58 -7.08 12.01
CA ARG A 95 11.92 -5.89 11.28
C ARG A 95 12.34 -6.19 9.84
N GLU A 96 13.23 -7.18 9.64
CA GLU A 96 13.72 -7.48 8.31
C GLU A 96 12.53 -7.92 7.44
N LEU A 97 11.58 -8.66 8.03
CA LEU A 97 10.43 -9.13 7.25
C LEU A 97 9.56 -7.94 6.80
N CYS A 98 9.39 -6.96 7.67
CA CYS A 98 8.55 -5.83 7.27
C CYS A 98 9.27 -5.02 6.23
N SER A 99 10.57 -4.86 6.38
CA SER A 99 11.35 -4.18 5.34
C SER A 99 11.21 -4.88 4.00
N ALA A 100 11.33 -6.21 3.99
CA ALA A 100 11.20 -7.03 2.77
C ALA A 100 9.79 -6.92 2.14
N ALA A 101 8.74 -6.98 3.01
CA ALA A 101 7.35 -6.88 2.56
C ALA A 101 7.13 -5.50 1.92
N ILE A 102 7.47 -4.44 2.62
CA ILE A 102 7.11 -3.11 2.12
C ILE A 102 8.09 -2.69 1.03
N THR A 103 9.39 -2.83 1.26
CA THR A 103 10.30 -2.17 0.30
C THR A 103 10.44 -3.00 -0.97
N MET A 104 10.29 -4.33 -0.86
CA MET A 104 10.53 -5.22 -1.98
C MET A 104 9.30 -6.05 -2.38
N SER A 105 8.13 -5.81 -1.77
CA SER A 105 6.92 -6.63 -2.03
C SER A 105 7.12 -8.12 -1.88
N ASP A 106 8.01 -8.50 -0.97
CA ASP A 106 8.21 -9.95 -0.70
C ASP A 106 6.95 -10.69 -0.17
N ASN A 107 6.38 -11.61 -0.94
CA ASN A 107 5.13 -12.30 -0.57
C ASN A 107 5.29 -13.25 0.61
N THR A 108 6.36 -14.02 0.63
CA THR A 108 6.51 -14.97 1.75
C THR A 108 6.64 -14.19 3.08
N ALA A 109 7.38 -13.07 3.04
CA ALA A 109 7.57 -12.22 4.21
C ALA A 109 6.25 -11.78 4.76
N ALA A 110 5.38 -11.31 3.87
CA ALA A 110 4.03 -10.90 4.30
C ALA A 110 3.25 -12.04 4.93
N ASN A 111 3.31 -13.24 4.33
CA ASN A 111 2.71 -14.42 4.95
C ASN A 111 3.23 -14.72 6.35
N LEU A 112 4.56 -14.63 6.53
CA LEU A 112 5.16 -14.96 7.82
C LEU A 112 4.64 -13.94 8.82
N LEU A 113 4.61 -12.65 8.42
CA LEU A 113 4.13 -11.60 9.28
C LEU A 113 2.65 -11.79 9.53
N LEU A 114 1.86 -12.14 8.53
CA LEU A 114 0.46 -12.44 8.78
C LEU A 114 0.28 -13.48 9.86
N THR A 115 1.16 -14.46 9.88
CA THR A 115 1.12 -15.47 10.94
C THR A 115 1.33 -14.88 12.35
N THR A 116 2.38 -14.06 12.51
CA THR A 116 2.69 -13.44 13.77
C THR A 116 1.50 -12.67 14.38
N ILE A 117 0.63 -12.06 13.56
CA ILE A 117 -0.40 -11.18 14.10
C ILE A 117 -1.74 -11.92 14.27
N GLY A 118 -1.82 -13.17 13.85
CA GLY A 118 -3.11 -13.86 13.80
C GLY A 118 -3.81 -14.00 12.47
N GLY A 119 -3.13 -13.70 11.35
CA GLY A 119 -3.74 -13.87 10.01
C GLY A 119 -4.72 -12.76 9.58
N PRO A 120 -5.32 -12.91 8.39
CA PRO A 120 -6.20 -11.90 7.78
C PRO A 120 -7.35 -11.54 8.67
N LYS A 121 -7.85 -12.49 9.44
CA LYS A 121 -8.97 -12.11 10.31
C LYS A 121 -8.54 -11.10 11.34
N GLU A 122 -7.31 -11.22 11.83
CA GLU A 122 -6.83 -10.29 12.87
C GLU A 122 -6.41 -8.92 12.29
N LEU A 123 -5.90 -8.93 11.07
CA LEU A 123 -5.62 -7.68 10.43
C LEU A 123 -6.91 -6.96 10.24
N THR A 124 -7.92 -7.66 9.74
CA THR A 124 -9.24 -7.02 9.57
C THR A 124 -9.83 -6.42 10.84
N ALA A 125 -9.79 -7.19 11.93
CA ALA A 125 -10.15 -6.69 13.25
C ALA A 125 -9.34 -5.44 13.66
N PHE A 126 -8.02 -5.47 13.45
CA PHE A 126 -7.14 -4.31 13.75
C PHE A 126 -7.67 -3.04 13.03
N LEU A 127 -8.02 -3.19 11.76
CA LEU A 127 -8.51 -2.07 10.95
C LEU A 127 -9.87 -1.59 11.47
N HIS A 128 -10.80 -2.52 11.62
CA HIS A 128 -12.10 -2.17 12.20
C HIS A 128 -11.95 -1.34 13.50
N ASN A 129 -11.07 -1.82 14.39
CA ASN A 129 -10.80 -1.20 15.69
C ASN A 129 -10.19 0.18 15.56
N MET A 130 -9.55 0.55 14.43
CA MET A 130 -9.06 1.94 14.32
C MET A 130 -9.91 2.75 13.39
N GLY A 131 -11.08 2.22 13.07
CA GLY A 131 -12.20 3.00 12.57
C GLY A 131 -12.41 2.77 11.07
N ASP A 132 -11.62 1.83 10.51
CA ASP A 132 -11.81 1.43 9.12
C ASP A 132 -12.76 0.25 9.03
N HIS A 133 -14.03 0.54 8.72
CA HIS A 133 -15.05 -0.50 8.71
C HIS A 133 -15.28 -1.09 7.32
N VAL A 134 -14.42 -0.79 6.35
CA VAL A 134 -14.59 -1.15 4.94
C VAL A 134 -13.48 -2.12 4.44
N THR A 135 -12.26 -1.76 4.73
CA THR A 135 -11.11 -2.54 4.27
C THR A 135 -11.13 -3.97 4.83
N ARG A 136 -10.87 -5.00 4.01
CA ARG A 136 -10.88 -6.36 4.56
C ARG A 136 -9.81 -7.19 3.91
N LEU A 137 -9.06 -7.93 4.72
CA LEU A 137 -8.17 -8.97 4.20
C LEU A 137 -8.77 -10.29 4.53
N ASP A 138 -8.76 -11.19 3.55
CA ASP A 138 -9.45 -12.49 3.70
C ASP A 138 -8.51 -13.66 3.39
N ARG A 139 -7.53 -13.41 2.53
CA ARG A 139 -6.64 -14.48 2.12
C ARG A 139 -5.18 -14.14 2.29
N TRP A 140 -4.35 -15.12 1.96
CA TRP A 140 -2.96 -15.01 2.21
C TRP A 140 -2.31 -14.81 0.81
N GLU A 141 -1.02 -14.60 0.74
CA GLU A 141 -0.35 -14.58 -0.58
C GLU A 141 -0.18 -16.02 -1.09
N PRO A 142 -0.33 -16.26 -2.40
CA PRO A 142 -0.64 -15.23 -3.40
C PRO A 142 -2.13 -15.11 -3.82
N GLU A 143 -3.03 -15.91 -3.26
CA GLU A 143 -4.44 -15.92 -3.63
C GLU A 143 -5.12 -14.55 -3.44
N LEU A 144 -4.64 -13.73 -2.49
CA LEU A 144 -5.32 -12.45 -2.22
C LEU A 144 -5.27 -11.46 -3.41
N ASN A 145 -4.43 -11.73 -4.41
CA ASN A 145 -4.37 -10.94 -5.62
C ASN A 145 -5.28 -11.40 -6.79
N GLU A 146 -6.16 -12.35 -6.53
CA GLU A 146 -6.99 -12.98 -7.59
C GLU A 146 -7.85 -11.98 -8.38
N ALA A 147 -8.32 -10.96 -7.68
CA ALA A 147 -9.08 -9.88 -8.30
C ALA A 147 -10.23 -10.36 -9.16
N ILE A 148 -11.02 -11.29 -8.64
CA ILE A 148 -12.28 -11.73 -9.29
C ILE A 148 -13.21 -10.53 -9.32
N PRO A 149 -13.74 -10.20 -10.50
CA PRO A 149 -14.68 -9.11 -10.62
C PRO A 149 -15.83 -9.27 -9.63
N ASN A 150 -16.07 -8.20 -8.89
CA ASN A 150 -17.14 -8.11 -7.90
C ASN A 150 -16.89 -8.83 -6.60
N ASP A 151 -15.73 -9.47 -6.46
CA ASP A 151 -15.41 -10.12 -5.21
C ASP A 151 -14.93 -9.04 -4.21
N GLU A 152 -15.50 -9.03 -3.00
CA GLU A 152 -15.10 -8.10 -1.94
C GLU A 152 -13.92 -8.57 -1.08
N ARG A 153 -13.61 -9.86 -1.15
CA ARG A 153 -12.41 -10.33 -0.43
C ARG A 153 -11.19 -9.48 -0.75
N ASP A 154 -10.41 -9.18 0.29
CA ASP A 154 -9.11 -8.57 0.12
C ASP A 154 -9.20 -7.24 -0.62
N THR A 155 -10.26 -6.49 -0.36
CA THR A 155 -10.39 -5.17 -0.99
C THR A 155 -10.39 -4.00 0.02
N THR A 156 -10.10 -2.84 -0.53
CA THR A 156 -10.33 -1.59 0.14
C THR A 156 -11.11 -0.69 -0.85
N THR A 157 -11.40 0.53 -0.43
CA THR A 157 -11.72 1.64 -1.33
C THR A 157 -10.67 2.77 -1.22
N PRO A 158 -10.58 3.64 -2.22
CA PRO A 158 -9.60 4.74 -2.13
C PRO A 158 -9.88 5.55 -0.87
N ALA A 159 -11.15 5.86 -0.57
CA ALA A 159 -11.50 6.58 0.65
C ALA A 159 -11.11 5.89 1.98
N ALA A 160 -11.38 4.59 2.09
CA ALA A 160 -11.05 3.84 3.31
C ALA A 160 -9.53 3.74 3.45
N MET A 161 -8.84 3.39 2.38
CA MET A 161 -7.39 3.30 2.46
C MET A 161 -6.69 4.66 2.75
N ALA A 162 -7.17 5.73 2.11
CA ALA A 162 -6.57 7.02 2.35
C ALA A 162 -6.70 7.45 3.82
N THR A 163 -7.92 7.34 4.38
CA THR A 163 -8.18 7.72 5.78
C THR A 163 -7.34 6.83 6.73
N THR A 164 -7.31 5.53 6.48
CA THR A 164 -6.48 4.61 7.27
C THR A 164 -4.98 4.97 7.28
N LEU A 165 -4.42 5.20 6.11
CA LEU A 165 -3.02 5.62 5.98
C LEU A 165 -2.78 6.90 6.78
N ARG A 166 -3.64 7.91 6.60
CA ARG A 166 -3.46 9.12 7.36
C ARG A 166 -3.41 8.81 8.88
N LYS A 167 -4.34 8.02 9.37
CA LYS A 167 -4.40 7.74 10.80
C LYS A 167 -3.21 6.95 11.21
N LEU A 168 -2.79 5.99 10.38
CA LEU A 168 -1.57 5.25 10.71
C LEU A 168 -0.35 6.14 10.88
N LEU A 169 -0.19 7.06 9.94
CA LEU A 169 1.00 7.90 9.92
C LEU A 169 0.91 9.13 10.79
N THR A 170 -0.27 9.62 11.18
CA THR A 170 -0.33 10.85 11.95
C THR A 170 -1.27 10.86 13.18
N GLY A 171 -2.03 9.80 13.42
CA GLY A 171 -2.83 9.79 14.61
C GLY A 171 -2.04 9.23 15.80
N GLU A 172 -2.71 9.00 16.94
CA GLU A 172 -2.01 8.41 18.08
C GLU A 172 -2.10 6.89 18.16
N LEU A 173 -2.53 6.23 17.07
CA LEU A 173 -2.69 4.79 17.09
C LEU A 173 -1.36 4.12 17.38
N LEU A 174 -0.32 4.61 16.71
CA LEU A 174 1.01 4.02 16.84
C LEU A 174 1.83 5.01 17.62
N THR A 175 2.87 4.55 18.30
CA THR A 175 3.80 5.49 18.92
C THR A 175 4.49 6.30 17.84
N LEU A 176 5.10 7.41 18.29
CA LEU A 176 5.96 8.20 17.43
C LEU A 176 7.00 7.34 16.80
N ALA A 177 7.71 6.55 17.61
CA ALA A 177 8.75 5.69 17.09
C ALA A 177 8.22 4.67 16.01
N SER A 178 7.04 4.13 16.25
CA SER A 178 6.45 3.19 15.29
C SER A 178 5.99 3.91 14.01
N ARG A 179 5.39 5.10 14.11
CA ARG A 179 5.09 5.86 12.90
C ARG A 179 6.32 6.10 12.13
N GLN A 180 7.43 6.42 12.79
CA GLN A 180 8.60 6.80 12.04
C GLN A 180 9.18 5.61 11.34
N GLN A 181 9.22 4.43 12.01
CA GLN A 181 9.65 3.21 11.32
C GLN A 181 8.76 2.89 10.12
N LEU A 182 7.47 3.02 10.29
CA LEU A 182 6.57 2.59 9.22
C LEU A 182 6.80 3.53 8.02
N ILE A 183 6.88 4.84 8.31
CA ILE A 183 7.17 5.82 7.26
C ILE A 183 8.58 5.63 6.61
N ASP A 184 9.57 5.27 7.40
CA ASP A 184 10.88 4.87 6.85
C ASP A 184 10.83 3.70 5.84
N TRP A 185 10.11 2.64 6.17
CA TRP A 185 10.00 1.54 5.25
C TRP A 185 9.36 2.04 3.95
N MET A 186 8.27 2.79 4.05
CA MET A 186 7.60 3.33 2.86
C MET A 186 8.46 4.29 2.02
N GLU A 187 9.30 5.10 2.66
CA GLU A 187 10.21 6.01 1.89
C GLU A 187 11.26 5.21 1.22
N ALA A 188 11.52 4.02 1.73
CA ALA A 188 12.52 3.13 1.13
C ALA A 188 11.98 2.13 0.12
N ASP A 189 10.78 2.32 -0.37
CA ASP A 189 10.23 1.40 -1.37
C ASP A 189 11.13 1.30 -2.61
N LYS A 190 11.46 0.07 -3.04
CA LYS A 190 12.43 -0.13 -4.16
C LYS A 190 11.71 -0.38 -5.46
N VAL A 191 10.38 -0.44 -5.40
CA VAL A 191 9.59 -0.88 -6.52
C VAL A 191 9.04 0.35 -7.25
N ALA A 192 8.12 1.05 -6.61
CA ALA A 192 7.64 2.31 -7.23
C ALA A 192 8.39 3.59 -6.78
N GLY A 193 8.93 3.60 -5.55
CA GLY A 193 9.55 4.82 -4.99
C GLY A 193 10.62 5.47 -5.90
N PRO A 194 11.54 4.66 -6.46
CA PRO A 194 12.61 5.22 -7.34
C PRO A 194 12.02 5.94 -8.54
N LEU A 195 10.93 5.43 -9.13
CA LEU A 195 10.21 6.05 -10.25
C LEU A 195 9.54 7.36 -9.85
N LEU A 196 8.90 7.37 -8.71
CA LEU A 196 8.29 8.58 -8.22
C LEU A 196 9.36 9.62 -7.94
N ARG A 197 10.42 9.20 -7.26
CA ARG A 197 11.47 10.11 -6.88
C ARG A 197 12.15 10.75 -8.08
N SER A 198 12.42 9.95 -9.10
CA SER A 198 13.06 10.51 -10.32
C SER A 198 12.13 11.51 -11.00
N ALA A 199 10.81 11.20 -11.08
CA ALA A 199 9.85 12.11 -11.77
C ALA A 199 9.58 13.45 -11.08
N LEU A 200 9.54 13.41 -9.74
CA LEU A 200 9.13 14.56 -8.95
C LEU A 200 10.34 15.50 -8.85
N PRO A 201 10.12 16.78 -8.48
CA PRO A 201 11.27 17.69 -8.24
C PRO A 201 12.10 17.23 -7.07
N ALA A 202 13.40 17.54 -7.13
CA ALA A 202 14.30 17.23 -6.04
C ALA A 202 13.69 17.82 -4.77
N GLY A 203 14.04 17.18 -3.69
CA GLY A 203 13.66 17.66 -2.38
C GLY A 203 12.27 17.17 -1.95
N TRP A 204 11.44 16.75 -2.90
CA TRP A 204 10.10 16.23 -2.51
C TRP A 204 10.19 14.98 -1.61
N PHE A 205 9.27 14.95 -0.65
CA PHE A 205 9.07 13.81 0.24
C PHE A 205 8.14 12.78 -0.46
N ILE A 206 8.53 11.51 -0.49
CA ILE A 206 7.66 10.45 -1.01
C ILE A 206 7.84 9.18 -0.13
N ALA A 207 6.72 8.74 0.38
CA ALA A 207 6.64 7.45 1.05
C ALA A 207 5.49 6.72 0.34
N ASP A 208 5.70 5.50 -0.16
CA ASP A 208 4.58 4.85 -0.88
C ASP A 208 4.61 3.35 -0.75
N LYS A 209 3.55 2.70 -1.17
CA LYS A 209 3.53 1.28 -1.42
C LYS A 209 2.64 1.05 -2.62
N SER A 210 3.13 0.27 -3.58
CA SER A 210 2.32 -0.14 -4.77
C SER A 210 2.01 -1.59 -4.82
N GLY A 211 1.12 -1.97 -5.74
CA GLY A 211 0.76 -3.39 -5.88
C GLY A 211 0.25 -3.64 -7.30
N ALA A 212 0.32 -4.90 -7.71
CA ALA A 212 -0.21 -5.33 -8.99
C ALA A 212 -0.73 -6.74 -8.80
N GLY A 213 -1.84 -7.05 -9.48
CA GLY A 213 -2.47 -8.34 -9.30
C GLY A 213 -2.71 -9.00 -10.66
N GLU A 214 -3.88 -9.96 -10.40
CA GLU A 214 -4.27 -10.41 -11.76
C GLU A 214 -5.19 -9.40 -12.47
N ARG A 215 -5.51 -9.67 -13.75
CA ARG A 215 -6.53 -8.86 -14.45
C ARG A 215 -6.21 -7.39 -14.55
N GLY A 216 -4.92 -7.08 -14.69
CA GLY A 216 -4.52 -5.71 -14.88
C GLY A 216 -4.70 -4.86 -13.63
N SER A 217 -4.98 -5.52 -12.51
CA SER A 217 -5.14 -4.82 -11.24
C SER A 217 -3.80 -4.26 -10.75
N ARG A 218 -3.85 -3.01 -10.31
CA ARG A 218 -2.69 -2.28 -9.77
C ARG A 218 -3.12 -1.16 -8.84
N GLY A 219 -2.20 -0.69 -8.01
CA GLY A 219 -2.56 0.43 -7.22
C GLY A 219 -1.38 0.93 -6.45
N ILE A 220 -1.60 2.07 -5.82
CA ILE A 220 -0.56 2.66 -5.02
C ILE A 220 -1.18 3.55 -3.96
N ILE A 221 -0.52 3.57 -2.81
CA ILE A 221 -0.81 4.55 -1.79
C ILE A 221 0.41 5.39 -1.51
N ALA A 222 0.22 6.66 -1.20
CA ALA A 222 1.39 7.55 -1.07
C ALA A 222 1.17 8.75 -0.19
N ALA A 223 2.20 9.14 0.53
CA ALA A 223 2.22 10.41 1.28
C ALA A 223 3.28 11.26 0.62
N LEU A 224 2.94 12.44 0.12
CA LEU A 224 3.98 13.21 -0.51
C LEU A 224 3.89 14.69 -0.23
N GLY A 225 4.98 15.40 -0.46
CA GLY A 225 4.85 16.85 -0.48
C GLY A 225 6.18 17.49 -0.83
N PRO A 226 6.19 18.79 -1.08
CA PRO A 226 7.44 19.49 -1.30
C PRO A 226 8.21 19.58 0.03
N ASP A 227 9.69 19.78 -0.30
CA ASP A 227 10.55 20.35 0.73
C ASP A 227 10.66 19.38 1.87
N GLY A 228 10.74 18.08 1.57
CA GLY A 228 11.00 17.09 2.59
C GLY A 228 9.91 16.80 3.63
N LYS A 229 8.69 17.24 3.40
CA LYS A 229 7.60 16.98 4.35
C LYS A 229 6.33 16.64 3.58
N PRO A 230 5.65 15.56 3.93
CA PRO A 230 4.42 15.21 3.18
C PRO A 230 3.29 16.15 3.58
N SER A 231 2.38 16.46 2.65
CA SER A 231 1.26 17.32 2.93
C SER A 231 -0.04 16.72 2.41
N ARG A 232 0.05 15.64 1.66
CA ARG A 232 -1.10 15.02 1.03
C ARG A 232 -0.97 13.49 0.96
N ILE A 233 -2.11 12.82 1.05
CA ILE A 233 -2.15 11.39 0.76
C ILE A 233 -2.85 11.20 -0.60
N VAL A 234 -2.31 10.32 -1.44
CA VAL A 234 -2.94 10.05 -2.76
C VAL A 234 -3.07 8.56 -2.84
N VAL A 235 -4.25 8.11 -3.27
CA VAL A 235 -4.51 6.71 -3.44
C VAL A 235 -5.08 6.46 -4.84
N ILE A 236 -4.45 5.54 -5.61
CA ILE A 236 -4.98 5.17 -6.93
C ILE A 236 -5.13 3.67 -7.02
N TYR A 237 -6.31 3.19 -7.43
CA TYR A 237 -6.46 1.75 -7.72
C TYR A 237 -7.04 1.59 -9.16
N THR A 238 -6.72 0.46 -9.78
CA THR A 238 -7.43 0.13 -11.00
C THR A 238 -7.59 -1.32 -11.13
N THR A 239 -8.69 -1.72 -11.76
CA THR A 239 -8.83 -3.14 -12.09
C THR A 239 -9.52 -3.35 -13.44
N GLY A 240 -9.34 -4.53 -14.05
CA GLY A 240 -10.03 -4.94 -15.25
C GLY A 240 -9.33 -4.53 -16.56
N SER A 241 -8.19 -3.89 -16.53
CA SER A 241 -7.68 -3.40 -17.80
C SER A 241 -7.01 -4.54 -18.56
N GLN A 242 -7.19 -4.64 -19.89
CA GLN A 242 -6.30 -5.50 -20.72
C GLN A 242 -5.14 -4.79 -21.43
N ALA A 243 -4.84 -3.58 -20.99
CA ALA A 243 -3.78 -2.76 -21.58
C ALA A 243 -2.40 -3.33 -21.21
N THR A 244 -1.40 -3.09 -22.03
CA THR A 244 -0.05 -3.53 -21.73
C THR A 244 0.41 -2.77 -20.50
N MET A 245 1.38 -3.33 -19.81
CA MET A 245 1.94 -2.61 -18.69
C MET A 245 2.48 -1.21 -19.07
N ASP A 246 2.97 -1.07 -20.28
CA ASP A 246 3.38 0.24 -20.75
C ASP A 246 2.25 1.27 -20.77
N GLU A 247 1.11 0.86 -21.31
CA GLU A 247 -0.01 1.79 -21.39
C GLU A 247 -0.44 2.10 -19.99
N ARG A 248 -0.49 1.08 -19.14
CA ARG A 248 -0.91 1.26 -17.74
C ARG A 248 0.03 2.29 -17.02
N ASN A 249 1.33 2.12 -17.20
CA ASN A 249 2.31 3.03 -16.60
C ASN A 249 2.20 4.47 -17.11
N ARG A 250 1.93 4.63 -18.40
CA ARG A 250 1.86 5.96 -18.99
C ARG A 250 0.65 6.72 -18.47
N GLN A 251 -0.43 5.96 -18.26
CA GLN A 251 -1.62 6.60 -17.65
C GLN A 251 -1.38 7.03 -16.20
N ILE A 252 -0.70 6.19 -15.41
CA ILE A 252 -0.36 6.57 -14.06
C ILE A 252 0.51 7.83 -14.14
N ALA A 253 1.48 7.85 -15.06
CA ALA A 253 2.34 9.01 -15.18
C ALA A 253 1.53 10.31 -15.50
N GLU A 254 0.50 10.20 -16.32
CA GLU A 254 -0.28 11.41 -16.69
C GLU A 254 -1.05 11.92 -15.48
N ILE A 255 -1.55 11.00 -14.69
CA ILE A 255 -2.33 11.39 -13.52
C ILE A 255 -1.37 12.11 -12.56
N GLY A 256 -0.21 11.50 -12.30
CA GLY A 256 0.79 12.13 -11.43
C GLY A 256 1.30 13.47 -11.93
N ALA A 257 1.45 13.63 -13.22
CA ALA A 257 1.84 14.92 -13.76
C ALA A 257 0.86 16.03 -13.42
N SER A 258 -0.45 15.73 -13.47
CA SER A 258 -1.46 16.75 -13.28
C SER A 258 -1.50 17.10 -11.79
N LEU A 259 -1.36 16.06 -10.96
CA LEU A 259 -1.32 16.20 -9.51
C LEU A 259 -0.30 17.27 -9.09
N ILE A 260 0.88 17.14 -9.67
CA ILE A 260 1.96 18.03 -9.31
C ILE A 260 1.72 19.40 -9.94
N LYS A 261 1.27 19.41 -11.17
CA LYS A 261 1.10 20.69 -11.90
C LYS A 261 0.09 21.60 -11.14
N HIS A 262 -0.95 20.99 -10.60
CA HIS A 262 -1.98 21.76 -9.93
C HIS A 262 -1.86 21.72 -8.43
N TRP A 263 -0.69 21.35 -7.91
CA TRP A 263 -0.49 21.19 -6.46
C TRP A 263 -0.96 22.43 -5.69
CL3 CBT B . -0.91 3.07 -9.43
C29 CBT B . 0.41 2.32 -9.42
C28 CBT B . 0.44 0.92 -9.50
C26 CBT B . 1.69 0.27 -9.66
C27 CBT B . 1.59 3.09 -9.45
C25 CBT B . 2.81 2.41 -9.60
C22 CBT B . 2.89 1.02 -9.71
C17 CBT B . 4.28 0.35 -9.73
N13 CBT B . 4.24 -1.00 -10.31
C16 CBT B . 4.05 -2.09 -9.56
N18 CBT B . 4.12 -3.35 -10.01
N20 CBT B . 4.05 -4.20 -8.90
N21 CBT B . 3.94 -3.39 -7.74
N19 CBT B . 3.95 -2.08 -8.23
C1 CBT B . 4.44 -1.13 -11.79
C2 CBT B . 5.88 -0.81 -12.20
C3 CBT B . 6.98 -1.03 -11.33
C5 CBT B . 8.28 -0.82 -11.81
C7 CBT B . 8.55 -0.38 -13.12
CL8 CBT B . 9.99 -0.25 -13.62
C6 CBT B . 7.47 -0.12 -13.97
C4 CBT B . 6.15 -0.35 -13.49
CL3 CBT C . 4.07 2.66 -13.08
C29 CBT C . 4.45 4.06 -12.64
C28 CBT C . 3.91 5.19 -13.30
C26 CBT C . 4.38 6.48 -13.03
C27 CBT C . 5.45 4.20 -11.65
C25 CBT C . 5.89 5.50 -11.38
C22 CBT C . 5.38 6.64 -12.05
C17 CBT C . 5.84 8.02 -11.53
N13 CBT C . 5.58 9.23 -12.31
C16 CBT C . 6.11 9.40 -13.52
N18 CBT C . 5.87 10.47 -14.30
N20 CBT C . 6.54 10.26 -15.51
N21 CBT C . 7.20 9.03 -15.44
N19 CBT C . 6.91 8.51 -14.15
C1 CBT C . 4.81 10.39 -11.71
C2 CBT C . 3.74 10.09 -10.60
C3 CBT C . 2.75 9.11 -10.75
C5 CBT C . 1.74 8.96 -9.76
C7 CBT C . 1.72 9.79 -8.60
CL8 CBT C . 0.54 9.66 -7.61
C6 CBT C . 2.70 10.78 -8.43
C4 CBT C . 3.70 10.89 -9.42
#